data_1HP7
#
_entry.id   1HP7
#
_cell.length_a   77.57
_cell.length_b   77.57
_cell.length_c   124.29
_cell.angle_alpha   90.00
_cell.angle_beta   90.00
_cell.angle_gamma   120.00
#
_symmetry.space_group_name_H-M   'P 32 1 2'
#
loop_
_entity.id
_entity.type
_entity.pdbx_description
1 polymer ALPHA-1-ANTITRYPSIN
2 non-polymer 'ZINC ION'
3 non-polymer BETA-MERCAPTOETHANOL
4 water water
#
_entity_poly.entity_id   1
_entity_poly.type   'polypeptide(L)'
_entity_poly.pdbx_seq_one_letter_code
;EDPQGDAAQKTDTSHHDQDHPTFNKITPNLAEFAFSLYRQLAHQSNSTNIFFSPVSIATAFAMLSLGTKGDTHDEILEGL
NFNLTEIPEAQIHEGFQELLHTLNQPDSQLQLTTGNGLFLSEGLKLVDKFLEDVKKLYHSEAFTVNFGDTEEAKKQINDY
VEKGTQGKIVDLVKELDRDTVFALVNYIFFKGKWERPFEVKDTEEEDFHVDQVTTVKVPMMKRLGMFNIQHCKKLSSWVL
LMKYLGNATAIFFLPDEGKLQHLENELTHDIITKFLENEDRRSASLHLPKLSITGTYDLKSVLGQLGITKVFSNGADLSG
VTEEAPLKLSKAVHKAVLTIDEKGTEAAGAMFLEAIPMSIPPEVKFNKPFVFLMIDQNTKSPLFMGKVVNPTQK
;
_entity_poly.pdbx_strand_id   A
#
loop_
_chem_comp.id
_chem_comp.type
_chem_comp.name
_chem_comp.formula
BME non-polymer BETA-MERCAPTOETHANOL 'C2 H6 O S'
ZN non-polymer 'ZINC ION' 'Zn 2'
#
# COMPACT_ATOMS: atom_id res chain seq x y z
N ASP A 19 -30.64 4.23 1.41
CA ASP A 19 -29.80 4.40 0.20
C ASP A 19 -28.80 5.56 0.36
N HIS A 20 -27.74 5.33 1.12
CA HIS A 20 -26.71 6.34 1.34
C HIS A 20 -25.41 5.87 0.69
N PRO A 21 -24.48 6.81 0.41
CA PRO A 21 -23.21 6.44 -0.21
C PRO A 21 -22.40 5.63 0.80
N THR A 22 -21.83 4.52 0.37
CA THR A 22 -21.03 3.69 1.25
C THR A 22 -19.77 3.18 0.56
N PHE A 23 -18.75 2.86 1.35
CA PHE A 23 -17.51 2.31 0.80
C PHE A 23 -17.51 0.79 1.00
N ASN A 24 -18.55 0.29 1.68
CA ASN A 24 -18.70 -1.14 1.97
C ASN A 24 -18.61 -2.04 0.74
N LYS A 25 -19.23 -1.60 -0.36
CA LYS A 25 -19.28 -2.36 -1.61
C LYS A 25 -17.97 -2.64 -2.36
N ILE A 26 -17.02 -1.71 -2.30
CA ILE A 26 -15.77 -1.89 -3.04
C ILE A 26 -14.60 -2.49 -2.27
N THR A 27 -14.65 -2.46 -0.94
CA THR A 27 -13.55 -3.01 -0.15
C THR A 27 -13.20 -4.44 -0.54
N PRO A 28 -14.21 -5.28 -0.84
CA PRO A 28 -13.88 -6.65 -1.23
C PRO A 28 -12.99 -6.70 -2.47
N ASN A 29 -13.32 -5.89 -3.48
CA ASN A 29 -12.55 -5.85 -4.71
C ASN A 29 -11.16 -5.25 -4.51
N LEU A 30 -11.02 -4.33 -3.55
CA LEU A 30 -9.72 -3.74 -3.27
C LEU A 30 -8.82 -4.87 -2.80
N ALA A 31 -9.38 -5.77 -2.01
CA ALA A 31 -8.64 -6.92 -1.51
C ALA A 31 -8.15 -7.78 -2.67
N GLU A 32 -9.05 -8.13 -3.58
CA GLU A 32 -8.67 -8.96 -4.73
C GLU A 32 -7.61 -8.26 -5.57
N PHE A 33 -7.71 -6.93 -5.64
CA PHE A 33 -6.74 -6.15 -6.40
C PHE A 33 -5.37 -6.24 -5.72
N ALA A 34 -5.36 -6.14 -4.39
CA ALA A 34 -4.12 -6.24 -3.63
C ALA A 34 -3.38 -7.51 -4.01
N PHE A 35 -4.09 -8.63 -3.96
CA PHE A 35 -3.49 -9.91 -4.27
C PHE A 35 -3.12 -10.10 -5.75
N SER A 36 -3.91 -9.54 -6.66
CA SER A 36 -3.59 -9.67 -8.08
C SER A 36 -2.26 -9.01 -8.38
N LEU A 37 -2.13 -7.77 -7.94
CA LEU A 37 -0.89 -7.02 -8.15
C LEU A 37 0.26 -7.72 -7.46
N TYR A 38 0.05 -8.14 -6.21
CA TYR A 38 1.09 -8.82 -5.45
C TYR A 38 1.68 -10.04 -6.17
N ARG A 39 0.83 -10.92 -6.68
CA ARG A 39 1.31 -12.11 -7.36
C ARG A 39 2.03 -11.77 -8.65
N GLN A 40 1.58 -10.71 -9.32
CA GLN A 40 2.19 -10.25 -10.55
C GLN A 40 3.64 -9.88 -10.23
N LEU A 41 3.83 -9.07 -9.19
CA LEU A 41 5.17 -8.66 -8.79
C LEU A 41 6.00 -9.82 -8.29
N ALA A 42 5.39 -10.70 -7.47
CA ALA A 42 6.07 -11.87 -6.94
C ALA A 42 6.57 -12.78 -8.06
N HIS A 43 5.89 -12.77 -9.19
CA HIS A 43 6.31 -13.61 -10.32
C HIS A 43 7.50 -13.01 -11.05
N GLN A 44 7.52 -11.68 -11.15
CA GLN A 44 8.61 -11.01 -11.85
C GLN A 44 9.97 -11.30 -11.20
N SER A 45 10.03 -11.26 -9.87
CA SER A 45 11.28 -11.55 -9.16
C SER A 45 11.01 -12.03 -7.75
N ASN A 46 11.88 -12.91 -7.24
CA ASN A 46 11.70 -13.44 -5.88
C ASN A 46 12.96 -13.28 -5.05
N SER A 47 13.79 -12.29 -5.39
CA SER A 47 15.01 -12.04 -4.65
C SER A 47 14.99 -10.59 -4.25
N THR A 48 13.84 -9.95 -4.44
CA THR A 48 13.67 -8.53 -4.12
C THR A 48 12.48 -8.28 -3.18
N ASN A 49 12.55 -7.25 -2.35
CA ASN A 49 11.45 -6.92 -1.47
C ASN A 49 10.30 -6.38 -2.29
N ILE A 50 9.08 -6.54 -1.80
CA ILE A 50 7.89 -6.03 -2.46
C ILE A 50 7.09 -5.26 -1.43
N PHE A 51 6.68 -4.05 -1.77
CA PHE A 51 5.91 -3.21 -0.86
C PHE A 51 5.14 -2.13 -1.63
N PHE A 52 3.82 -2.12 -1.44
CA PHE A 52 2.97 -1.14 -2.10
C PHE A 52 1.66 -0.93 -1.36
N SER A 53 0.92 0.11 -1.74
CA SER A 53 -0.36 0.40 -1.12
C SER A 53 -1.51 0.13 -2.08
N PRO A 54 -2.27 -0.94 -1.84
CA PRO A 54 -3.39 -1.26 -2.71
C PRO A 54 -4.39 -0.12 -2.80
N VAL A 55 -4.80 0.40 -1.65
CA VAL A 55 -5.78 1.47 -1.62
C VAL A 55 -5.33 2.75 -2.30
N SER A 56 -4.07 3.13 -2.12
CA SER A 56 -3.55 4.34 -2.73
C SER A 56 -3.58 4.29 -4.25
N ILE A 57 -3.06 3.20 -4.80
CA ILE A 57 -3.00 3.03 -6.23
C ILE A 57 -4.41 2.94 -6.83
N ALA A 58 -5.30 2.21 -6.18
CA ALA A 58 -6.65 2.06 -6.68
C ALA A 58 -7.39 3.39 -6.72
N THR A 59 -7.28 4.14 -5.64
CA THR A 59 -7.96 5.43 -5.54
C THR A 59 -7.49 6.42 -6.62
N ALA A 60 -6.18 6.51 -6.85
CA ALA A 60 -5.65 7.43 -7.85
C ALA A 60 -6.26 7.13 -9.21
N PHE A 61 -6.21 5.86 -9.63
CA PHE A 61 -6.75 5.51 -10.92
C PHE A 61 -8.27 5.53 -11.00
N ALA A 62 -8.93 5.42 -9.85
CA ALA A 62 -10.39 5.49 -9.83
C ALA A 62 -10.70 6.95 -10.08
N MET A 63 -9.82 7.82 -9.58
CA MET A 63 -9.99 9.25 -9.75
C MET A 63 -9.76 9.59 -11.22
N LEU A 64 -8.65 9.10 -11.75
CA LEU A 64 -8.29 9.32 -13.14
C LEU A 64 -9.43 8.92 -14.10
N SER A 65 -10.01 7.76 -13.87
CA SER A 65 -11.09 7.26 -14.72
C SER A 65 -12.20 8.27 -14.97
N LEU A 66 -12.46 9.16 -14.01
CA LEU A 66 -13.52 10.15 -14.19
C LEU A 66 -13.27 11.07 -15.40
N GLY A 67 -12.02 11.12 -15.87
CA GLY A 67 -11.70 11.96 -17.01
C GLY A 67 -11.52 11.16 -18.28
N THR A 68 -11.94 9.90 -18.24
CA THR A 68 -11.82 9.01 -19.38
C THR A 68 -13.20 8.56 -19.86
N LYS A 69 -13.27 8.02 -21.07
CA LYS A 69 -14.52 7.53 -21.63
C LYS A 69 -14.30 6.21 -22.37
N GLY A 70 -15.40 5.53 -22.72
CA GLY A 70 -15.32 4.29 -23.47
C GLY A 70 -14.51 3.17 -22.86
N ASP A 71 -13.90 2.36 -23.73
CA ASP A 71 -13.11 1.22 -23.28
C ASP A 71 -12.00 1.65 -22.33
N THR A 72 -11.42 2.83 -22.58
CA THR A 72 -10.35 3.32 -21.73
C THR A 72 -10.82 3.35 -20.29
N HIS A 73 -12.04 3.83 -20.11
CA HIS A 73 -12.67 3.96 -18.81
C HIS A 73 -13.04 2.61 -18.23
N ASP A 74 -13.74 1.79 -19.01
CA ASP A 74 -14.14 0.46 -18.55
C ASP A 74 -12.93 -0.43 -18.28
N GLU A 75 -11.84 -0.19 -19.00
CA GLU A 75 -10.63 -1.00 -18.83
C GLU A 75 -9.92 -0.69 -17.51
N ILE A 76 -9.93 0.58 -17.09
CA ILE A 76 -9.32 0.95 -15.82
C ILE A 76 -10.03 0.26 -14.65
N LEU A 77 -11.36 0.39 -14.60
CA LEU A 77 -12.13 -0.21 -13.52
C LEU A 77 -11.99 -1.74 -13.50
N GLU A 78 -12.06 -2.36 -14.67
CA GLU A 78 -11.90 -3.80 -14.74
C GLU A 78 -10.50 -4.14 -14.24
N GLY A 79 -9.54 -3.27 -14.57
CA GLY A 79 -8.16 -3.48 -14.14
C GLY A 79 -8.00 -3.47 -12.63
N LEU A 80 -8.90 -2.77 -11.94
CA LEU A 80 -8.88 -2.71 -10.48
C LEU A 80 -9.79 -3.79 -9.90
N ASN A 81 -10.05 -4.82 -10.70
CA ASN A 81 -10.86 -5.95 -10.30
C ASN A 81 -12.35 -5.71 -10.12
N PHE A 82 -12.92 -4.83 -10.93
CA PHE A 82 -14.35 -4.61 -10.83
C PHE A 82 -15.02 -5.22 -12.04
N ASN A 83 -16.27 -5.62 -11.85
CA ASN A 83 -17.08 -6.20 -12.91
C ASN A 83 -18.30 -5.29 -13.03
N LEU A 84 -18.34 -4.53 -14.11
CA LEU A 84 -19.40 -3.56 -14.36
C LEU A 84 -20.83 -4.06 -14.33
N THR A 85 -21.01 -5.36 -14.45
CA THR A 85 -22.35 -5.93 -14.40
C THR A 85 -22.61 -6.35 -12.95
N GLU A 86 -21.55 -6.76 -12.26
CA GLU A 86 -21.65 -7.19 -10.86
C GLU A 86 -22.09 -6.02 -10.00
N ILE A 87 -21.66 -4.81 -10.36
CA ILE A 87 -22.01 -3.62 -9.60
C ILE A 87 -22.09 -2.40 -10.53
N PRO A 88 -23.08 -1.52 -10.30
CA PRO A 88 -23.29 -0.32 -11.11
C PRO A 88 -22.09 0.61 -11.08
N GLU A 89 -21.81 1.23 -12.22
CA GLU A 89 -20.69 2.15 -12.32
C GLU A 89 -20.81 3.30 -11.30
N ALA A 90 -21.99 3.88 -11.17
CA ALA A 90 -22.20 4.98 -10.25
C ALA A 90 -21.82 4.67 -8.80
N GLN A 91 -22.05 3.44 -8.37
CA GLN A 91 -21.71 3.08 -7.00
C GLN A 91 -20.22 2.83 -6.81
N ILE A 92 -19.50 2.54 -7.88
CA ILE A 92 -18.07 2.32 -7.76
C ILE A 92 -17.41 3.67 -7.46
N HIS A 93 -17.89 4.71 -8.14
CA HIS A 93 -17.32 6.03 -7.94
C HIS A 93 -17.66 6.63 -6.59
N GLU A 94 -18.91 6.48 -6.15
CA GLU A 94 -19.32 7.02 -4.84
C GLU A 94 -18.55 6.30 -3.75
N GLY A 95 -18.34 5.00 -3.96
CA GLY A 95 -17.62 4.19 -3.00
C GLY A 95 -16.21 4.69 -2.72
N PHE A 96 -15.49 5.03 -3.78
CA PHE A 96 -14.13 5.54 -3.66
C PHE A 96 -14.11 6.94 -3.03
N GLN A 97 -15.19 7.68 -3.22
CA GLN A 97 -15.31 9.04 -2.67
C GLN A 97 -15.49 8.97 -1.17
N GLU A 98 -16.32 8.03 -0.72
CA GLU A 98 -16.55 7.86 0.71
C GLU A 98 -15.27 7.39 1.35
N LEU A 99 -14.75 6.27 0.84
CA LEU A 99 -13.53 5.66 1.36
C LEU A 99 -12.41 6.68 1.56
N LEU A 100 -12.21 7.51 0.54
CA LEU A 100 -11.19 8.54 0.58
C LEU A 100 -11.42 9.49 1.76
N HIS A 101 -12.67 9.92 1.97
CA HIS A 101 -12.98 10.82 3.08
C HIS A 101 -12.80 10.16 4.43
N THR A 102 -12.71 8.84 4.43
CA THR A 102 -12.55 8.11 5.66
C THR A 102 -11.09 7.87 5.89
N LEU A 103 -10.41 7.53 4.80
CA LEU A 103 -8.98 7.25 4.82
C LEU A 103 -8.13 8.51 4.81
N ASN A 104 -8.63 9.54 4.14
CA ASN A 104 -7.92 10.81 4.00
C ASN A 104 -8.01 11.76 5.21
N GLN A 105 -8.19 11.20 6.41
CA GLN A 105 -8.26 12.02 7.61
C GLN A 105 -8.29 11.26 8.95
N PRO A 106 -7.81 10.00 8.98
CA PRO A 106 -7.81 9.24 10.24
C PRO A 106 -6.80 9.94 11.14
N ASP A 107 -7.26 11.00 11.80
CA ASP A 107 -6.38 11.81 12.64
C ASP A 107 -6.00 11.30 14.02
N SER A 108 -6.04 9.98 14.25
CA SER A 108 -5.64 9.45 15.55
C SER A 108 -4.13 9.67 15.62
N GLN A 109 -3.41 8.78 16.28
CA GLN A 109 -1.96 8.96 16.33
C GLN A 109 -1.22 8.02 15.39
N LEU A 110 -1.82 7.81 14.22
CA LEU A 110 -1.19 6.99 13.21
C LEU A 110 -0.84 7.92 12.07
N GLN A 111 0.46 8.20 11.95
CA GLN A 111 1.01 9.07 10.92
C GLN A 111 0.73 8.48 9.54
N LEU A 112 -0.30 8.99 8.87
CA LEU A 112 -0.63 8.49 7.55
C LEU A 112 -0.75 9.65 6.58
N THR A 113 0.32 9.94 5.85
CA THR A 113 0.28 11.02 4.85
C THR A 113 0.25 10.39 3.46
N THR A 114 -0.71 10.80 2.65
CA THR A 114 -0.84 10.26 1.30
C THR A 114 -1.34 11.32 0.33
N GLY A 115 -0.74 11.37 -0.87
CA GLY A 115 -1.16 12.36 -1.84
C GLY A 115 -1.24 11.91 -3.28
N ASN A 116 -2.04 12.66 -4.05
CA ASN A 116 -2.25 12.45 -5.48
C ASN A 116 -1.95 13.76 -6.20
N GLY A 117 -0.98 13.74 -7.12
CA GLY A 117 -0.62 14.93 -7.86
C GLY A 117 -0.65 14.71 -9.36
N LEU A 118 -1.43 15.52 -10.07
CA LEU A 118 -1.54 15.41 -11.53
C LEU A 118 -0.78 16.58 -12.14
N PHE A 119 -0.05 16.30 -13.20
CA PHE A 119 0.73 17.34 -13.87
C PHE A 119 0.48 17.33 -15.37
N LEU A 120 -0.08 18.43 -15.86
CA LEU A 120 -0.42 18.56 -17.28
C LEU A 120 0.22 19.75 -18.01
N SER A 121 0.58 19.54 -19.28
CA SER A 121 1.21 20.59 -20.11
C SER A 121 0.36 21.85 -20.23
N GLU A 122 1.02 22.99 -20.23
CA GLU A 122 0.34 24.29 -20.36
C GLU A 122 -0.35 24.45 -21.72
N GLY A 123 0.03 23.61 -22.70
CA GLY A 123 -0.56 23.71 -24.02
C GLY A 123 -1.96 23.12 -24.17
N LEU A 124 -2.50 22.58 -23.08
CA LEU A 124 -3.81 21.95 -23.12
C LEU A 124 -4.92 22.75 -22.46
N LYS A 125 -6.08 22.76 -23.09
CA LYS A 125 -7.25 23.43 -22.54
C LYS A 125 -7.94 22.31 -21.75
N LEU A 126 -7.97 22.46 -20.42
CA LEU A 126 -8.54 21.45 -19.54
C LEU A 126 -10.02 21.61 -19.27
N VAL A 127 -10.70 20.49 -19.01
CA VAL A 127 -12.13 20.51 -18.71
C VAL A 127 -12.34 20.84 -17.24
N ASP A 128 -13.14 21.86 -16.97
CA ASP A 128 -13.41 22.31 -15.62
C ASP A 128 -13.93 21.24 -14.69
N LYS A 129 -15.00 20.57 -15.12
CA LYS A 129 -15.59 19.51 -14.33
C LYS A 129 -14.54 18.58 -13.75
N PHE A 130 -13.60 18.14 -14.57
CA PHE A 130 -12.54 17.24 -14.13
C PHE A 130 -11.69 17.91 -13.06
N LEU A 131 -11.27 19.14 -13.31
CA LEU A 131 -10.43 19.89 -12.36
C LEU A 131 -11.13 20.06 -11.01
N GLU A 132 -12.45 20.14 -11.04
CA GLU A 132 -13.23 20.30 -9.81
C GLU A 132 -13.40 18.99 -9.03
N ASP A 133 -13.53 17.86 -9.72
CA ASP A 133 -13.70 16.59 -9.03
C ASP A 133 -12.41 16.22 -8.31
N VAL A 134 -11.31 16.23 -9.03
CA VAL A 134 -10.05 15.86 -8.41
C VAL A 134 -9.75 16.75 -7.20
N LYS A 135 -10.07 18.03 -7.30
CA LYS A 135 -9.76 18.96 -6.21
C LYS A 135 -10.75 19.05 -5.04
N LYS A 136 -12.05 19.02 -5.32
CA LYS A 136 -13.05 19.13 -4.27
C LYS A 136 -13.55 17.78 -3.75
N LEU A 137 -13.76 16.82 -4.66
CA LEU A 137 -14.26 15.50 -4.24
C LEU A 137 -13.17 14.56 -3.78
N TYR A 138 -12.07 14.51 -4.52
CA TYR A 138 -10.94 13.63 -4.20
C TYR A 138 -9.77 14.31 -3.50
N HIS A 139 -9.96 15.55 -3.10
CA HIS A 139 -8.94 16.29 -2.39
C HIS A 139 -7.52 16.11 -2.91
N SER A 140 -7.37 15.97 -4.22
CA SER A 140 -6.06 15.80 -4.83
C SER A 140 -5.61 17.04 -5.56
N GLU A 141 -4.34 17.05 -5.94
CA GLU A 141 -3.75 18.20 -6.63
C GLU A 141 -3.63 18.06 -8.15
N ALA A 142 -3.90 19.15 -8.86
CA ALA A 142 -3.81 19.19 -10.32
C ALA A 142 -3.03 20.46 -10.72
N PHE A 143 -1.83 20.26 -11.25
CA PHE A 143 -0.99 21.38 -11.65
C PHE A 143 -0.71 21.43 -13.15
N THR A 144 -0.48 22.62 -13.67
CA THR A 144 -0.12 22.80 -15.07
C THR A 144 1.38 23.14 -15.04
N VAL A 145 2.14 22.56 -15.96
CA VAL A 145 3.57 22.81 -16.01
C VAL A 145 4.07 22.77 -17.43
N ASN A 146 5.23 23.37 -17.65
CA ASN A 146 5.81 23.39 -18.97
C ASN A 146 6.83 22.28 -19.09
N PHE A 147 6.43 21.21 -19.76
CA PHE A 147 7.32 20.07 -19.95
C PHE A 147 8.39 20.41 -20.97
N GLY A 148 8.30 21.61 -21.52
CA GLY A 148 9.30 22.05 -22.49
C GLY A 148 10.64 22.08 -21.77
N ASP A 149 10.59 22.51 -20.52
CA ASP A 149 11.77 22.57 -19.69
C ASP A 149 11.73 21.35 -18.74
N THR A 150 12.27 20.22 -19.18
CA THR A 150 12.24 19.03 -18.34
C THR A 150 12.82 19.18 -16.94
N GLU A 151 14.00 19.79 -16.80
CA GLU A 151 14.58 19.95 -15.49
C GLU A 151 13.71 20.81 -14.59
N GLU A 152 13.02 21.78 -15.17
CA GLU A 152 12.17 22.63 -14.37
C GLU A 152 10.89 21.88 -13.96
N ALA A 153 10.32 21.12 -14.89
CA ALA A 153 9.11 20.34 -14.62
C ALA A 153 9.41 19.34 -13.50
N LYS A 154 10.50 18.60 -13.67
CA LYS A 154 10.96 17.61 -12.70
C LYS A 154 11.07 18.19 -11.30
N LYS A 155 11.72 19.35 -11.21
CA LYS A 155 11.89 20.01 -9.93
C LYS A 155 10.53 20.32 -9.29
N GLN A 156 9.56 20.72 -10.10
CA GLN A 156 8.23 21.03 -9.58
C GLN A 156 7.52 19.79 -9.03
N ILE A 157 7.68 18.66 -9.73
CA ILE A 157 7.07 17.42 -9.27
C ILE A 157 7.72 16.95 -7.96
N ASN A 158 9.05 16.91 -7.94
CA ASN A 158 9.76 16.49 -6.74
C ASN A 158 9.52 17.44 -5.57
N ASP A 159 9.49 18.74 -5.85
CA ASP A 159 9.25 19.72 -4.80
C ASP A 159 7.91 19.50 -4.12
N TYR A 160 6.91 19.13 -4.92
CA TYR A 160 5.57 18.86 -4.41
C TYR A 160 5.56 17.66 -3.47
N VAL A 161 6.19 16.58 -3.88
CA VAL A 161 6.25 15.35 -3.07
C VAL A 161 7.11 15.51 -1.82
N GLU A 162 8.13 16.37 -1.91
CA GLU A 162 9.01 16.58 -0.78
C GLU A 162 8.30 17.42 0.27
N LYS A 163 7.53 18.40 -0.18
CA LYS A 163 6.77 19.24 0.73
C LYS A 163 5.70 18.40 1.42
N GLY A 164 4.97 17.63 0.64
CA GLY A 164 3.91 16.78 1.18
C GLY A 164 4.39 15.72 2.16
N THR A 165 5.57 15.18 1.93
CA THR A 165 6.10 14.15 2.83
C THR A 165 7.05 14.75 3.86
N GLN A 166 7.12 16.08 3.87
CA GLN A 166 8.00 16.78 4.79
C GLN A 166 9.42 16.27 4.60
N GLY A 167 9.90 16.26 3.36
CA GLY A 167 11.26 15.81 3.10
C GLY A 167 11.52 14.33 3.33
N LYS A 168 10.48 13.61 3.72
CA LYS A 168 10.63 12.17 3.96
C LYS A 168 10.82 11.42 2.65
N ILE A 169 10.49 12.08 1.54
CA ILE A 169 10.63 11.50 0.21
C ILE A 169 11.22 12.57 -0.73
N VAL A 170 12.46 12.37 -1.16
CA VAL A 170 13.11 13.33 -2.04
C VAL A 170 13.52 12.79 -3.40
N ASP A 171 13.69 13.71 -4.35
CA ASP A 171 14.08 13.37 -5.71
C ASP A 171 13.43 12.09 -6.23
N LEU A 172 12.11 12.00 -6.10
CA LEU A 172 11.36 10.84 -6.57
C LEU A 172 11.60 10.61 -8.07
N VAL A 173 11.46 11.65 -8.88
CA VAL A 173 11.67 11.54 -10.34
C VAL A 173 13.13 11.89 -10.65
N LYS A 174 13.76 11.08 -11.50
CA LYS A 174 15.16 11.28 -11.86
C LYS A 174 15.34 12.01 -13.18
N GLU A 175 14.42 11.76 -14.11
CA GLU A 175 14.47 12.38 -15.43
C GLU A 175 13.14 12.21 -16.12
N LEU A 176 12.69 13.25 -16.82
CA LEU A 176 11.46 13.21 -17.56
C LEU A 176 11.81 13.01 -19.03
N ASP A 177 10.89 12.40 -19.77
CA ASP A 177 11.11 12.18 -21.18
C ASP A 177 10.81 13.48 -21.90
N ARG A 178 11.38 13.65 -23.08
CA ARG A 178 11.19 14.85 -23.87
C ARG A 178 9.71 15.09 -24.17
N ASP A 179 9.03 14.04 -24.59
CA ASP A 179 7.62 14.14 -24.96
C ASP A 179 6.59 13.94 -23.83
N THR A 180 7.02 14.09 -22.58
CA THR A 180 6.11 13.94 -21.44
C THR A 180 5.03 15.02 -21.50
N VAL A 181 3.76 14.62 -21.44
CA VAL A 181 2.67 15.58 -21.49
C VAL A 181 1.72 15.50 -20.27
N PHE A 182 1.68 14.34 -19.62
CA PHE A 182 0.80 14.15 -18.48
C PHE A 182 1.47 13.17 -17.52
N ALA A 183 1.69 13.58 -16.27
CA ALA A 183 2.32 12.71 -15.30
C ALA A 183 1.53 12.62 -14.01
N LEU A 184 1.43 11.40 -13.49
CA LEU A 184 0.71 11.15 -12.24
C LEU A 184 1.67 10.67 -11.15
N VAL A 185 1.53 11.23 -9.96
CA VAL A 185 2.38 10.86 -8.83
C VAL A 185 1.59 10.50 -7.57
N ASN A 186 1.71 9.26 -7.13
CA ASN A 186 1.02 8.79 -5.93
C ASN A 186 2.01 8.31 -4.89
N TYR A 187 1.90 8.85 -3.68
CA TYR A 187 2.81 8.47 -2.61
C TYR A 187 2.07 8.32 -1.30
N ILE A 188 2.67 7.56 -0.39
CA ILE A 188 2.09 7.33 0.92
C ILE A 188 3.18 6.94 1.92
N PHE A 189 3.05 7.48 3.12
CA PHE A 189 4.01 7.24 4.18
C PHE A 189 3.28 6.80 5.45
N PHE A 190 3.86 5.88 6.18
CA PHE A 190 3.21 5.37 7.39
C PHE A 190 4.17 4.99 8.51
N LYS A 191 3.76 5.34 9.72
CA LYS A 191 4.52 5.03 10.93
C LYS A 191 3.48 4.92 12.04
N GLY A 192 3.35 3.74 12.63
CA GLY A 192 2.38 3.55 13.68
C GLY A 192 2.98 3.33 15.06
N LYS A 193 2.09 3.28 16.05
CA LYS A 193 2.47 3.07 17.44
C LYS A 193 1.75 1.81 17.86
N TRP A 194 2.48 0.87 18.41
CA TRP A 194 1.85 -0.37 18.85
C TRP A 194 0.91 -0.12 20.03
N GLU A 195 -0.15 -0.91 20.08
CA GLU A 195 -1.12 -0.82 21.17
C GLU A 195 -0.44 -1.42 22.39
N ARG A 196 0.57 -2.24 22.14
CA ARG A 196 1.35 -2.85 23.22
C ARG A 196 2.79 -2.89 22.72
N PRO A 197 3.62 -1.93 23.19
CA PRO A 197 5.03 -1.80 22.82
C PRO A 197 5.99 -2.94 23.13
N PHE A 198 7.15 -2.86 22.50
CA PHE A 198 8.24 -3.81 22.70
C PHE A 198 9.24 -3.04 23.57
N GLU A 199 9.99 -3.74 24.41
CA GLU A 199 10.97 -3.06 25.25
C GLU A 199 12.24 -2.82 24.44
N VAL A 200 12.56 -1.55 24.19
CA VAL A 200 13.77 -1.20 23.45
C VAL A 200 14.98 -1.97 23.96
N LYS A 201 14.98 -2.28 25.24
CA LYS A 201 16.09 -3.00 25.85
C LYS A 201 16.29 -4.39 25.28
N ASP A 202 15.19 -5.07 24.96
CA ASP A 202 15.25 -6.43 24.42
C ASP A 202 15.63 -6.53 22.95
N THR A 203 15.71 -5.39 22.29
CA THR A 203 16.06 -5.35 20.89
C THR A 203 17.55 -5.64 20.73
N GLU A 204 17.89 -6.78 20.13
CA GLU A 204 19.27 -7.16 19.94
C GLU A 204 19.52 -7.62 18.51
N GLU A 205 20.78 -7.54 18.07
CA GLU A 205 21.15 -7.93 16.72
C GLU A 205 21.18 -9.44 16.51
N GLU A 206 20.37 -9.92 15.58
CA GLU A 206 20.30 -11.35 15.29
C GLU A 206 20.50 -11.58 13.79
N ASP A 207 20.43 -12.86 13.41
CA ASP A 207 20.59 -13.25 12.01
C ASP A 207 19.26 -13.31 11.28
N PHE A 208 19.25 -12.83 10.04
CA PHE A 208 18.08 -12.91 9.18
C PHE A 208 18.57 -13.74 8.01
N HIS A 209 17.97 -14.91 7.83
CA HIS A 209 18.39 -15.81 6.77
C HIS A 209 17.67 -15.55 5.46
N VAL A 210 18.32 -14.81 4.57
CA VAL A 210 17.74 -14.51 3.27
C VAL A 210 17.53 -15.85 2.55
N ASP A 211 18.50 -16.75 2.69
CA ASP A 211 18.43 -18.11 2.13
C ASP A 211 19.48 -18.99 2.82
N GLN A 212 19.69 -20.19 2.29
CA GLN A 212 20.61 -21.14 2.90
C GLN A 212 22.01 -20.61 3.15
N VAL A 213 22.52 -19.78 2.25
CA VAL A 213 23.87 -19.26 2.38
C VAL A 213 23.97 -17.76 2.60
N THR A 214 22.86 -17.06 2.53
CA THR A 214 22.90 -15.61 2.72
C THR A 214 22.34 -15.20 4.08
N THR A 215 23.13 -14.44 4.84
CA THR A 215 22.71 -13.98 6.16
C THR A 215 22.85 -12.46 6.28
N VAL A 216 21.87 -11.84 6.92
CA VAL A 216 21.88 -10.40 7.15
C VAL A 216 21.71 -10.10 8.64
N LYS A 217 22.54 -9.21 9.17
CA LYS A 217 22.45 -8.81 10.57
C LYS A 217 21.38 -7.74 10.67
N VAL A 218 20.46 -7.90 11.64
CA VAL A 218 19.39 -6.95 11.82
C VAL A 218 18.93 -6.84 13.26
N PRO A 219 18.36 -5.69 13.65
CA PRO A 219 17.87 -5.50 15.01
C PRO A 219 16.56 -6.26 15.14
N MET A 220 16.50 -7.19 16.09
CA MET A 220 15.30 -7.98 16.32
C MET A 220 14.61 -7.61 17.60
N MET A 221 13.37 -7.15 17.47
CA MET A 221 12.58 -6.80 18.63
C MET A 221 12.05 -8.14 19.11
N LYS A 222 11.69 -8.23 20.38
CA LYS A 222 11.15 -9.46 20.92
C LYS A 222 10.39 -9.25 22.20
N ARG A 223 9.36 -10.07 22.38
CA ARG A 223 8.53 -10.03 23.56
C ARG A 223 7.83 -11.37 23.79
N LEU A 224 7.78 -11.76 25.05
CA LEU A 224 7.11 -12.98 25.46
C LEU A 224 5.78 -12.51 26.01
N GLY A 225 4.69 -12.98 25.45
CA GLY A 225 3.40 -12.55 25.95
C GLY A 225 2.28 -13.29 25.28
N MET A 226 1.10 -12.71 25.35
CA MET A 226 -0.10 -13.27 24.74
C MET A 226 -0.32 -12.52 23.43
N PHE A 227 -0.51 -13.26 22.35
CA PHE A 227 -0.71 -12.67 21.03
C PHE A 227 -1.84 -13.35 20.30
N ASN A 228 -2.50 -12.62 19.42
CA ASN A 228 -3.54 -13.24 18.62
C ASN A 228 -2.69 -13.92 17.55
N ILE A 229 -2.33 -15.18 17.81
CA ILE A 229 -1.48 -15.94 16.90
C ILE A 229 -2.03 -17.35 16.71
N GLN A 230 -1.93 -17.87 15.49
CA GLN A 230 -2.38 -19.22 15.20
C GLN A 230 -1.62 -19.79 14.01
N HIS A 231 -1.47 -21.10 14.02
CA HIS A 231 -0.74 -21.79 12.96
C HIS A 231 -1.76 -22.39 12.00
N CYS A 232 -1.96 -21.76 10.85
CA CYS A 232 -2.93 -22.27 9.89
C CYS A 232 -2.35 -23.38 9.01
N LYS A 233 -2.99 -24.55 9.07
CA LYS A 233 -2.53 -25.68 8.28
C LYS A 233 -2.84 -25.49 6.79
N LYS A 234 -3.89 -24.73 6.48
CA LYS A 234 -4.25 -24.49 5.09
C LYS A 234 -3.13 -23.70 4.41
N LEU A 235 -2.66 -22.67 5.09
CA LEU A 235 -1.58 -21.84 4.57
C LEU A 235 -0.18 -22.36 4.92
N SER A 236 -0.09 -23.37 5.78
CA SER A 236 1.22 -23.88 6.18
C SER A 236 2.05 -22.73 6.74
N SER A 237 1.44 -21.90 7.56
CA SER A 237 2.15 -20.75 8.09
C SER A 237 1.62 -20.28 9.43
N TRP A 238 2.48 -19.54 10.15
CA TRP A 238 2.10 -18.94 11.42
C TRP A 238 1.39 -17.64 11.02
N VAL A 239 0.26 -17.35 11.63
CA VAL A 239 -0.48 -16.13 11.33
C VAL A 239 -0.54 -15.25 12.56
N LEU A 240 0.09 -14.08 12.46
CA LEU A 240 0.12 -13.14 13.57
C LEU A 240 -0.56 -11.81 13.30
N LEU A 241 -1.44 -11.42 14.21
CA LEU A 241 -2.13 -10.15 14.11
C LEU A 241 -1.68 -9.27 15.26
N MET A 242 -1.38 -8.01 14.93
CA MET A 242 -0.95 -7.03 15.92
C MET A 242 -1.65 -5.72 15.61
N LYS A 243 -2.22 -5.10 16.64
CA LYS A 243 -2.94 -3.85 16.45
C LYS A 243 -2.13 -2.61 16.72
N TYR A 244 -2.30 -1.62 15.86
CA TYR A 244 -1.63 -0.34 16.03
C TYR A 244 -2.68 0.53 16.71
N LEU A 245 -2.26 1.64 17.29
CA LEU A 245 -3.20 2.57 17.88
C LEU A 245 -3.78 3.34 16.71
N GLY A 246 -5.10 3.40 16.62
CA GLY A 246 -5.70 4.11 15.51
C GLY A 246 -6.52 3.20 14.63
N ASN A 247 -6.90 2.06 15.17
CA ASN A 247 -7.70 1.10 14.44
C ASN A 247 -7.06 0.58 13.12
N ALA A 248 -5.77 0.28 13.16
CA ALA A 248 -5.07 -0.26 11.99
C ALA A 248 -4.46 -1.58 12.44
N THR A 249 -4.71 -2.66 11.69
CA THR A 249 -4.20 -3.97 12.07
C THR A 249 -3.19 -4.61 11.13
N ALA A 250 -2.04 -4.99 11.70
CA ALA A 250 -0.98 -5.64 10.96
C ALA A 250 -1.16 -7.14 11.01
N ILE A 251 -0.99 -7.80 9.86
CA ILE A 251 -1.12 -9.25 9.79
C ILE A 251 0.15 -9.81 9.17
N PHE A 252 0.88 -10.59 9.96
CA PHE A 252 2.12 -11.16 9.48
C PHE A 252 1.96 -12.65 9.22
N PHE A 253 2.64 -13.12 8.19
CA PHE A 253 2.59 -14.53 7.83
C PHE A 253 4.00 -15.10 7.75
N LEU A 254 4.27 -16.10 8.57
CA LEU A 254 5.58 -16.75 8.57
C LEU A 254 5.39 -18.15 7.98
N PRO A 255 5.76 -18.34 6.70
CA PRO A 255 5.63 -19.62 6.02
C PRO A 255 6.55 -20.76 6.49
N ASP A 256 6.00 -21.97 6.52
CA ASP A 256 6.78 -23.12 6.92
C ASP A 256 7.86 -23.38 5.90
N GLU A 257 8.88 -24.12 6.31
CA GLU A 257 9.97 -24.45 5.41
C GLU A 257 9.48 -24.85 4.01
N GLY A 258 9.94 -24.11 3.00
CA GLY A 258 9.57 -24.39 1.63
C GLY A 258 8.14 -24.12 1.21
N LYS A 259 7.39 -23.38 2.02
CA LYS A 259 6.00 -23.11 1.71
C LYS A 259 5.68 -21.64 1.36
N LEU A 260 6.71 -20.85 1.09
CA LEU A 260 6.47 -19.45 0.76
C LEU A 260 5.51 -19.31 -0.43
N GLN A 261 5.75 -20.08 -1.48
CA GLN A 261 4.90 -20.03 -2.69
C GLN A 261 3.46 -20.45 -2.46
N HIS A 262 3.26 -21.47 -1.64
CA HIS A 262 1.92 -21.96 -1.33
C HIS A 262 1.16 -20.84 -0.61
N LEU A 263 1.82 -20.18 0.32
CA LEU A 263 1.22 -19.09 1.07
C LEU A 263 0.83 -17.97 0.11
N GLU A 264 1.73 -17.63 -0.80
CA GLU A 264 1.48 -16.57 -1.77
C GLU A 264 0.33 -16.90 -2.71
N ASN A 265 0.23 -18.16 -3.12
CA ASN A 265 -0.84 -18.56 -4.03
C ASN A 265 -2.20 -18.74 -3.36
N GLU A 266 -2.21 -18.97 -2.06
CA GLU A 266 -3.45 -19.20 -1.34
C GLU A 266 -4.14 -18.00 -0.66
N LEU A 267 -3.48 -16.85 -0.60
CA LEU A 267 -4.12 -15.70 0.05
C LEU A 267 -5.29 -15.17 -0.79
N THR A 268 -6.45 -15.03 -0.16
CA THR A 268 -7.65 -14.53 -0.81
C THR A 268 -8.35 -13.65 0.23
N HIS A 269 -9.26 -12.80 -0.22
CA HIS A 269 -9.92 -11.92 0.72
C HIS A 269 -10.81 -12.65 1.72
N ASP A 270 -11.36 -13.78 1.30
CA ASP A 270 -12.22 -14.58 2.17
C ASP A 270 -11.46 -15.08 3.39
N ILE A 271 -10.23 -15.49 3.18
CA ILE A 271 -9.36 -16.01 4.23
C ILE A 271 -8.95 -14.92 5.21
N ILE A 272 -8.70 -13.71 4.71
CA ILE A 272 -8.32 -12.61 5.59
C ILE A 272 -9.48 -12.30 6.53
N THR A 273 -10.67 -12.27 5.96
CA THR A 273 -11.87 -12.00 6.74
C THR A 273 -11.98 -12.98 7.91
N LYS A 274 -11.54 -14.21 7.72
CA LYS A 274 -11.59 -15.24 8.77
C LYS A 274 -10.60 -15.01 9.91
N PHE A 275 -9.34 -14.77 9.56
CA PHE A 275 -8.33 -14.55 10.60
C PHE A 275 -8.79 -13.44 11.52
N LEU A 276 -9.47 -12.45 10.96
CA LEU A 276 -9.96 -11.31 11.75
C LEU A 276 -11.10 -11.68 12.70
N GLU A 277 -11.61 -12.90 12.57
CA GLU A 277 -12.69 -13.35 13.44
C GLU A 277 -12.09 -14.01 14.68
N ASN A 278 -10.87 -14.51 14.55
CA ASN A 278 -10.21 -15.14 15.70
C ASN A 278 -9.93 -14.06 16.71
N GLU A 279 -10.34 -14.29 17.94
CA GLU A 279 -10.13 -13.30 18.99
C GLU A 279 -9.47 -13.96 20.19
N ASP A 280 -9.12 -15.24 20.05
CA ASP A 280 -8.48 -15.95 21.13
C ASP A 280 -6.98 -15.64 21.11
N ARG A 281 -6.39 -15.48 22.28
CA ARG A 281 -4.97 -15.15 22.38
C ARG A 281 -4.17 -16.39 22.77
N ARG A 282 -2.85 -16.31 22.64
CA ARG A 282 -1.98 -17.42 23.00
C ARG A 282 -0.61 -16.87 23.44
N SER A 283 0.10 -17.62 24.28
CA SER A 283 1.40 -17.15 24.73
C SER A 283 2.50 -17.59 23.76
N ALA A 284 3.32 -16.64 23.34
CA ALA A 284 4.39 -16.97 22.41
C ALA A 284 5.58 -16.04 22.56
N SER A 285 6.73 -16.51 22.11
CA SER A 285 7.95 -15.72 22.12
C SER A 285 8.01 -15.20 20.68
N LEU A 286 7.96 -13.89 20.53
CA LEU A 286 7.94 -13.28 19.22
C LEU A 286 9.20 -12.50 18.91
N HIS A 287 9.77 -12.73 17.73
CA HIS A 287 10.96 -12.02 17.29
C HIS A 287 10.57 -11.34 15.99
N LEU A 288 10.53 -10.02 16.00
CA LEU A 288 10.15 -9.28 14.81
C LEU A 288 11.20 -8.25 14.46
N PRO A 289 11.68 -8.29 13.21
CA PRO A 289 12.70 -7.31 12.86
C PRO A 289 12.20 -5.88 12.89
N LYS A 290 13.13 -4.99 13.22
CA LYS A 290 12.89 -3.57 13.27
C LYS A 290 13.35 -3.16 11.88
N LEU A 291 12.53 -2.42 11.14
CA LEU A 291 12.96 -2.04 9.81
C LEU A 291 12.15 -0.94 9.12
N SER A 292 12.63 -0.57 7.95
CA SER A 292 12.01 0.45 7.14
C SER A 292 12.12 0.00 5.71
N ILE A 293 10.99 -0.12 5.03
CA ILE A 293 11.04 -0.53 3.64
C ILE A 293 10.30 0.47 2.80
N THR A 294 10.65 0.50 1.52
CA THR A 294 10.01 1.40 0.58
C THR A 294 9.81 0.66 -0.73
N GLY A 295 8.71 0.97 -1.39
CA GLY A 295 8.43 0.40 -2.68
C GLY A 295 8.34 1.57 -3.64
N THR A 296 8.90 1.42 -4.83
CA THR A 296 8.88 2.46 -5.85
C THR A 296 8.58 1.72 -7.14
N TYR A 297 7.45 2.02 -7.76
CA TYR A 297 7.06 1.32 -8.95
C TYR A 297 6.63 2.22 -10.10
N ASP A 298 6.86 1.73 -11.32
CA ASP A 298 6.46 2.41 -12.55
C ASP A 298 5.10 1.82 -12.89
N LEU A 299 4.03 2.51 -12.51
CA LEU A 299 2.69 2.00 -12.76
C LEU A 299 2.36 1.66 -14.20
N LYS A 300 2.91 2.40 -15.14
CA LYS A 300 2.65 2.14 -16.54
C LYS A 300 3.08 0.71 -16.85
N SER A 301 4.21 0.33 -16.29
CA SER A 301 4.76 -1.01 -16.49
C SER A 301 3.97 -2.09 -15.76
N VAL A 302 3.70 -1.90 -14.47
CA VAL A 302 2.99 -2.92 -13.71
C VAL A 302 1.49 -3.03 -14.01
N LEU A 303 0.80 -1.90 -14.14
CA LEU A 303 -0.63 -1.95 -14.45
C LEU A 303 -0.87 -2.44 -15.87
N GLY A 304 0.13 -2.27 -16.74
CA GLY A 304 -0.02 -2.73 -18.10
C GLY A 304 -0.20 -4.24 -18.13
N GLN A 305 0.55 -4.95 -17.31
CA GLN A 305 0.46 -6.41 -17.25
C GLN A 305 -0.88 -6.86 -16.71
N LEU A 306 -1.49 -6.05 -15.84
CA LEU A 306 -2.77 -6.40 -15.27
C LEU A 306 -3.92 -6.17 -16.27
N GLY A 307 -3.61 -5.55 -17.40
CA GLY A 307 -4.64 -5.32 -18.40
C GLY A 307 -5.05 -3.87 -18.58
N ILE A 308 -4.32 -2.95 -17.95
CA ILE A 308 -4.65 -1.53 -18.06
C ILE A 308 -3.63 -0.88 -18.99
N THR A 309 -3.97 -0.75 -20.26
CA THR A 309 -3.02 -0.19 -21.24
C THR A 309 -3.48 0.99 -22.07
N LYS A 310 -4.76 1.02 -22.43
CA LYS A 310 -5.30 2.08 -23.27
C LYS A 310 -5.00 3.51 -22.82
N VAL A 311 -5.20 3.79 -21.54
CA VAL A 311 -4.97 5.12 -21.01
C VAL A 311 -3.49 5.56 -21.16
N PHE A 312 -2.59 4.60 -21.34
CA PHE A 312 -1.14 4.91 -21.49
C PHE A 312 -0.74 4.89 -22.96
N SER A 313 -1.70 4.74 -23.86
CA SER A 313 -1.39 4.68 -25.29
C SER A 313 -1.93 5.83 -26.12
N ASN A 314 -1.56 5.82 -27.41
CA ASN A 314 -2.01 6.85 -28.34
C ASN A 314 -3.51 6.76 -28.57
N GLY A 315 -4.07 5.57 -28.40
CA GLY A 315 -5.49 5.43 -28.60
C GLY A 315 -6.33 5.93 -27.44
N ALA A 316 -5.67 6.29 -26.33
CA ALA A 316 -6.36 6.78 -25.12
C ALA A 316 -7.51 7.78 -25.31
N ASP A 317 -8.58 7.58 -24.55
CA ASP A 317 -9.71 8.51 -24.60
C ASP A 317 -9.77 9.26 -23.28
N LEU A 318 -9.16 10.43 -23.27
CA LEU A 318 -9.13 11.28 -22.09
C LEU A 318 -9.84 12.58 -22.37
N SER A 319 -10.88 12.49 -23.21
CA SER A 319 -11.69 13.65 -23.58
C SER A 319 -12.39 14.24 -22.37
N GLY A 320 -12.33 13.54 -21.25
CA GLY A 320 -12.92 14.04 -20.02
C GLY A 320 -11.98 15.04 -19.37
N VAL A 321 -10.70 15.01 -19.74
CA VAL A 321 -9.68 15.91 -19.22
C VAL A 321 -9.50 17.10 -20.18
N THR A 322 -9.31 16.78 -21.46
CA THR A 322 -9.17 17.78 -22.51
C THR A 322 -10.03 17.28 -23.67
N GLU A 323 -10.97 18.12 -24.12
CA GLU A 323 -11.90 17.75 -25.18
C GLU A 323 -11.40 17.11 -26.48
N GLU A 324 -10.58 17.82 -27.25
CA GLU A 324 -10.15 17.29 -28.54
C GLU A 324 -8.69 16.88 -28.75
N ALA A 325 -7.77 17.46 -27.99
CA ALA A 325 -6.36 17.12 -28.14
C ALA A 325 -6.03 15.67 -27.78
N PRO A 326 -5.19 15.02 -28.60
CA PRO A 326 -4.80 13.63 -28.34
C PRO A 326 -3.94 13.61 -27.08
N LEU A 327 -4.46 12.99 -26.04
CA LEU A 327 -3.74 12.93 -24.77
C LEU A 327 -3.59 11.51 -24.26
N LYS A 328 -2.55 11.28 -23.46
CA LYS A 328 -2.32 9.99 -22.86
C LYS A 328 -1.50 10.19 -21.62
N LEU A 329 -1.57 9.22 -20.70
CA LEU A 329 -0.82 9.31 -19.47
C LEU A 329 0.60 8.89 -19.82
N SER A 330 1.51 9.86 -19.75
CA SER A 330 2.91 9.61 -20.10
C SER A 330 3.68 8.86 -19.02
N LYS A 331 3.48 9.23 -17.78
CA LYS A 331 4.22 8.59 -16.69
C LYS A 331 3.40 8.55 -15.42
N ALA A 332 3.51 7.45 -14.69
CA ALA A 332 2.78 7.27 -13.44
C ALA A 332 3.65 6.51 -12.46
N VAL A 333 3.92 7.12 -11.31
CA VAL A 333 4.75 6.50 -10.31
C VAL A 333 4.09 6.44 -8.95
N HIS A 334 4.39 5.37 -8.22
CA HIS A 334 3.86 5.15 -6.88
C HIS A 334 5.03 4.87 -5.94
N LYS A 335 5.04 5.55 -4.82
CA LYS A 335 6.08 5.35 -3.82
C LYS A 335 5.45 5.15 -2.44
N ALA A 336 5.79 4.05 -1.79
CA ALA A 336 5.27 3.74 -0.47
C ALA A 336 6.41 3.58 0.53
N VAL A 337 6.23 4.12 1.72
CA VAL A 337 7.26 4.03 2.74
C VAL A 337 6.68 3.65 4.09
N LEU A 338 7.26 2.63 4.71
CA LEU A 338 6.81 2.17 6.01
C LEU A 338 7.96 1.99 6.98
N THR A 339 7.75 2.41 8.22
CA THR A 339 8.76 2.25 9.26
C THR A 339 8.12 1.54 10.44
N ILE A 340 8.78 0.50 10.91
CA ILE A 340 8.29 -0.27 12.06
C ILE A 340 9.36 -0.35 13.14
N ASP A 341 8.97 -0.02 14.37
CA ASP A 341 9.88 -0.11 15.50
C ASP A 341 9.12 -0.54 16.77
N GLU A 342 9.76 -0.43 17.93
CA GLU A 342 9.11 -0.86 19.16
C GLU A 342 8.15 0.15 19.82
N LYS A 343 8.14 1.38 19.30
CA LYS A 343 7.30 2.44 19.86
C LYS A 343 5.81 2.13 20.03
N GLY A 344 5.29 2.58 21.17
CA GLY A 344 3.89 2.44 21.51
C GLY A 344 3.50 3.70 22.26
N THR A 345 2.47 3.59 23.10
CA THR A 345 1.96 4.70 23.91
C THR A 345 2.97 5.73 24.44
N GLU A 346 3.03 6.89 23.78
CA GLU A 346 3.94 7.95 24.18
C GLU A 346 3.48 8.68 25.45
N ALA A 347 4.38 9.50 25.99
CA ALA A 347 4.18 10.30 27.21
C ALA A 347 4.95 9.78 28.42
N ALA A 348 5.35 8.50 28.39
CA ALA A 348 6.10 7.85 29.48
C ALA A 348 5.85 6.33 29.44
N GLY A 349 6.58 5.58 30.26
CA GLY A 349 6.42 4.12 30.28
C GLY A 349 5.19 3.60 31.00
N ALA A 350 4.05 3.55 30.30
CA ALA A 350 2.79 3.09 30.89
C ALA A 350 2.76 1.67 31.48
N MET A 351 3.84 1.26 32.15
CA MET A 351 3.96 -0.05 32.80
C MET A 351 2.97 -1.17 32.42
N PHE A 352 3.49 -2.23 31.81
CA PHE A 352 2.69 -3.39 31.45
C PHE A 352 3.08 -4.53 32.40
N LEU A 353 2.38 -5.65 32.33
CA LEU A 353 2.69 -6.77 33.22
C LEU A 353 3.22 -8.00 32.47
N GLU A 354 4.43 -8.46 32.82
CA GLU A 354 4.99 -9.65 32.19
C GLU A 354 5.36 -10.74 33.20
N ALA A 355 4.70 -11.89 33.07
CA ALA A 355 4.90 -13.05 33.96
C ALA A 355 5.77 -14.17 33.35
N ILE A 356 5.91 -15.26 34.11
CA ILE A 356 6.66 -16.41 33.63
C ILE A 356 5.65 -17.48 33.28
N PRO A 357 5.81 -18.14 32.12
CA PRO A 357 4.91 -19.21 31.64
C PRO A 357 4.98 -20.46 32.51
N MET A 358 3.98 -21.34 32.33
CA MET A 358 3.92 -22.59 33.06
C MET A 358 4.67 -23.63 32.21
N SER A 359 4.67 -23.37 30.90
CA SER A 359 5.32 -24.25 29.95
C SER A 359 6.10 -23.41 28.95
N ILE A 360 6.97 -24.04 28.20
CA ILE A 360 7.76 -23.31 27.22
C ILE A 360 6.86 -22.99 26.04
N PRO A 361 6.60 -21.69 25.82
CA PRO A 361 5.75 -21.28 24.72
C PRO A 361 6.45 -21.45 23.38
N PRO A 362 5.68 -21.47 22.28
CA PRO A 362 6.33 -21.63 20.98
C PRO A 362 7.15 -20.40 20.61
N GLU A 363 8.16 -20.63 19.77
CA GLU A 363 9.03 -19.57 19.28
C GLU A 363 8.58 -19.20 17.88
N VAL A 364 8.36 -17.92 17.64
CA VAL A 364 7.98 -17.46 16.32
C VAL A 364 8.96 -16.35 15.97
N LYS A 365 10.00 -16.71 15.22
CA LYS A 365 11.03 -15.78 14.81
C LYS A 365 10.89 -15.42 13.34
N PHE A 366 10.78 -14.13 13.05
CA PHE A 366 10.68 -13.71 11.66
C PHE A 366 12.10 -13.39 11.19
N ASN A 367 12.93 -14.42 11.12
CA ASN A 367 14.31 -14.27 10.70
C ASN A 367 14.54 -14.96 9.34
N LYS A 368 13.53 -14.84 8.47
CA LYS A 368 13.55 -15.39 7.13
C LYS A 368 12.40 -14.72 6.37
N PRO A 369 12.43 -14.76 5.03
CA PRO A 369 11.39 -14.14 4.19
C PRO A 369 9.96 -14.34 4.68
N PHE A 370 9.21 -13.26 4.76
CA PHE A 370 7.84 -13.35 5.22
C PHE A 370 6.94 -12.37 4.50
N VAL A 371 5.64 -12.53 4.67
CA VAL A 371 4.66 -11.68 4.03
C VAL A 371 3.77 -10.98 5.03
N PHE A 372 3.42 -9.74 4.73
CA PHE A 372 2.53 -9.03 5.62
C PHE A 372 1.52 -8.18 4.88
N LEU A 373 0.48 -7.83 5.62
CA LEU A 373 -0.61 -7.03 5.10
C LEU A 373 -1.10 -6.10 6.22
N MET A 374 -1.40 -4.86 5.84
CA MET A 374 -1.89 -3.86 6.79
C MET A 374 -3.35 -3.62 6.43
N ILE A 375 -4.24 -3.60 7.43
CA ILE A 375 -5.64 -3.34 7.16
C ILE A 375 -6.29 -2.34 8.10
N ASP A 376 -7.06 -1.42 7.53
CA ASP A 376 -7.77 -0.45 8.33
C ASP A 376 -8.95 -1.22 8.90
N GLN A 377 -8.93 -1.49 10.20
CA GLN A 377 -10.03 -2.24 10.82
C GLN A 377 -11.38 -1.56 10.60
N ASN A 378 -11.38 -0.23 10.71
CA ASN A 378 -12.62 0.51 10.53
C ASN A 378 -13.28 0.16 9.20
N THR A 379 -12.70 0.70 8.14
CA THR A 379 -13.18 0.55 6.77
C THR A 379 -12.87 -0.81 6.11
N LYS A 380 -11.93 -1.56 6.69
CA LYS A 380 -11.54 -2.87 6.17
C LYS A 380 -10.83 -2.81 4.82
N SER A 381 -10.19 -1.69 4.49
CA SER A 381 -9.49 -1.58 3.21
C SER A 381 -8.01 -1.93 3.40
N PRO A 382 -7.37 -2.52 2.37
CA PRO A 382 -5.95 -2.90 2.44
C PRO A 382 -5.01 -1.72 2.29
N LEU A 383 -4.50 -1.19 3.39
CA LEU A 383 -3.60 -0.04 3.32
C LEU A 383 -2.25 -0.40 2.69
N PHE A 384 -1.68 -1.52 3.12
CA PHE A 384 -0.38 -1.96 2.60
C PHE A 384 -0.30 -3.46 2.45
N MET A 385 0.62 -3.88 1.59
CA MET A 385 0.89 -5.29 1.38
C MET A 385 2.34 -5.43 0.96
N GLY A 386 3.01 -6.45 1.46
CA GLY A 386 4.39 -6.64 1.10
C GLY A 386 5.05 -7.92 1.50
N LYS A 387 6.28 -8.09 1.02
CA LYS A 387 7.07 -9.24 1.36
C LYS A 387 8.47 -8.78 1.64
N VAL A 388 9.03 -9.23 2.75
CA VAL A 388 10.37 -8.85 3.12
C VAL A 388 11.31 -10.01 2.83
N VAL A 389 12.16 -9.85 1.83
CA VAL A 389 13.14 -10.86 1.49
C VAL A 389 14.46 -10.48 2.16
N ASN A 390 14.75 -9.18 2.20
CA ASN A 390 15.98 -8.65 2.80
C ASN A 390 15.67 -7.35 3.52
N PRO A 391 15.64 -7.37 4.87
CA PRO A 391 15.35 -6.19 5.69
C PRO A 391 16.22 -4.96 5.48
N THR A 392 17.42 -5.14 4.95
CA THR A 392 18.31 -4.00 4.76
C THR A 392 18.28 -3.47 3.35
N GLN A 393 17.45 -4.08 2.51
CA GLN A 393 17.35 -3.66 1.11
C GLN A 393 16.37 -2.50 1.00
N LYS A 394 16.18 -1.78 2.11
CA LYS A 394 15.26 -0.65 2.19
C LYS A 394 15.22 0.25 0.96
ZN ZN B . -17.32 6.01 -14.55
ZN ZN C . 18.06 16.21 -16.75
ZN ZN D . -0.16 -24.51 -2.85
ZN ZN E . 12.27 -16.24 21.76
ZN ZN F . -14.28 16.27 0.88
C1 BME G . -5.85 -24.45 10.21
C2 BME G . -6.64 -23.73 9.07
O1 BME G . -6.19 -23.96 11.50
S2 BME G . -6.34 -21.95 9.09
#